data_4CMU
#
_entry.id   4CMU
#
_cell.length_a   51.830
_cell.length_b   57.300
_cell.length_c   104.940
_cell.angle_alpha   90.00
_cell.angle_beta   90.00
_cell.angle_gamma   90.00
#
_symmetry.space_group_name_H-M   'P 21 21 21'
#
loop_
_entity.id
_entity.type
_entity.pdbx_description
1 polymer 'ALK TYROSINE KINASE RECEPTOR'
2 non-polymer (10R)-7-amino-12-fluoro-1,3,10,16-tetramethyl-16,17-dihydro-1H-8,4-(metheno)pyrazolo[4,3-h][2,5,11]benzoxadiazacyclotetradecin-15(10H)-one
3 water water
#
_entity_poly.entity_id   1
_entity_poly.type   'polypeptide(L)'
_entity_poly.pdbx_seq_one_letter_code
;MAHHHHHHNPNYCFAGKTSSISDLKEVPRKNITLIRGLGHGAFGEVYEGQVSGMPNDPSPLQVAVKTLPEVCSEQDELDF
LMEALIISKFNHQNIVRCIGVSLQSLPRFILLELMAGGDLKSFLRETRPRPSQPSSLAMLDLLHVARDIACGCQYLEENH
FIHRDIAARNCLLTCPGPGRVAKIGDFGMARDIYRASYYRKGGCAMLPVKWMPPEAFMEGIFTSKTDTWSFGVLLWEIFS
LGYMPYPSKSNQEVLEFVTSGGRMDPPKNCPGPVYRIMTQCWQHQPEDRPNFAIILERIEYCTQDPDVINTALPIEYGPL
VEEEEKV
;
_entity_poly.pdbx_strand_id   A
#
# COMPACT_ATOMS: atom_id res chain seq x y z
N ASN A 9 16.60 12.13 20.38
CA ASN A 9 15.80 11.17 19.57
C ASN A 9 14.31 11.50 19.62
N PRO A 10 13.70 11.75 18.44
CA PRO A 10 12.29 12.14 18.29
C PRO A 10 11.31 11.10 18.81
N ASN A 11 10.18 11.56 19.33
CA ASN A 11 9.14 10.68 19.83
C ASN A 11 8.14 10.36 18.72
N TYR A 12 7.45 9.22 18.88
CA TYR A 12 6.36 8.87 17.99
C TYR A 12 5.17 8.37 18.80
N CYS A 13 3.98 8.86 18.47
CA CYS A 13 2.77 8.47 19.18
C CYS A 13 1.80 7.79 18.22
N PHE A 14 1.36 6.60 18.59
CA PHE A 14 0.36 5.87 17.82
C PHE A 14 -0.62 5.23 18.78
N ALA A 15 -1.90 5.40 18.52
CA ALA A 15 -2.93 4.85 19.40
C ALA A 15 -2.74 5.44 20.79
N GLY A 16 -2.26 6.69 20.84
CA GLY A 16 -2.12 7.38 22.10
C GLY A 16 -1.00 6.85 22.98
N LYS A 17 -0.13 6.02 22.40
CA LYS A 17 1.03 5.50 23.12
C LYS A 17 2.31 6.06 22.50
N THR A 18 3.26 6.46 23.36
CA THR A 18 4.46 7.14 22.89
C THR A 18 5.66 6.21 22.89
N SER A 19 6.40 6.22 21.79
CA SER A 19 7.58 5.38 21.68
C SER A 19 8.78 6.18 21.21
N SER A 20 9.96 5.59 21.38
CA SER A 20 11.21 6.25 21.06
C SER A 20 12.15 5.25 20.41
N ILE A 21 13.25 5.73 19.84
CA ILE A 21 14.23 4.86 19.20
C ILE A 21 14.67 3.77 20.17
N SER A 22 14.68 4.08 21.46
CA SER A 22 15.07 3.11 22.47
C SER A 22 14.11 1.93 22.53
N ASP A 23 12.90 2.11 22.00
CA ASP A 23 11.92 1.03 21.97
C ASP A 23 12.10 0.09 20.77
N LEU A 24 12.82 0.55 19.75
CA LEU A 24 13.08 -0.31 18.59
C LEU A 24 13.94 -1.50 19.00
N LYS A 25 13.67 -2.65 18.40
CA LYS A 25 14.47 -3.84 18.68
C LYS A 25 15.74 -3.83 17.85
N GLU A 26 16.86 -3.49 18.49
CA GLU A 26 18.14 -3.46 17.81
C GLU A 26 18.71 -4.87 17.70
N VAL A 27 18.90 -5.31 16.46
CA VAL A 27 19.44 -6.63 16.19
C VAL A 27 20.95 -6.47 15.99
N PRO A 28 21.76 -7.31 16.65
CA PRO A 28 23.21 -7.17 16.45
C PRO A 28 23.63 -7.35 14.99
N ARG A 29 24.45 -6.43 14.50
CA ARG A 29 24.83 -6.40 13.10
C ARG A 29 25.43 -7.72 12.62
N LYS A 30 26.19 -8.37 13.51
CA LYS A 30 26.82 -9.64 13.20
C LYS A 30 25.80 -10.75 12.91
N ASN A 31 24.57 -10.58 13.39
CA ASN A 31 23.53 -11.57 13.17
C ASN A 31 22.81 -11.41 11.84
N ILE A 32 23.23 -10.43 11.06
CA ILE A 32 22.51 -10.06 9.84
C ILE A 32 23.34 -10.28 8.59
N THR A 33 22.79 -11.02 7.64
CA THR A 33 23.50 -11.34 6.41
C THR A 33 22.67 -10.99 5.18
N LEU A 34 23.23 -10.15 4.31
CA LEU A 34 22.57 -9.80 3.05
C LEU A 34 22.77 -10.92 2.04
N ILE A 35 21.74 -11.16 1.22
CA ILE A 35 21.78 -12.25 0.25
C ILE A 35 21.80 -11.70 -1.17
N ARG A 36 20.77 -10.96 -1.53
CA ARG A 36 20.62 -10.42 -2.87
C ARG A 36 19.89 -9.09 -2.84
N GLY A 37 20.09 -8.29 -3.88
CA GLY A 37 19.32 -7.06 -4.00
C GLY A 37 17.92 -7.35 -4.49
N LEU A 38 16.97 -6.51 -4.09
CA LEU A 38 15.60 -6.63 -4.57
C LEU A 38 15.26 -5.36 -5.34
N GLY A 39 16.14 -4.37 -5.27
CA GLY A 39 15.94 -3.13 -5.99
C GLY A 39 16.28 -1.93 -5.12
N HIS A 40 16.55 -0.79 -5.76
CA HIS A 40 16.79 0.44 -5.02
C HIS A 40 15.79 1.54 -5.38
N GLY A 41 15.80 1.97 -6.64
CA GLY A 41 14.88 2.99 -7.08
C GLY A 41 14.86 4.18 -6.15
N ALA A 42 13.79 4.30 -5.36
CA ALA A 42 13.65 5.37 -4.39
C ALA A 42 14.85 5.43 -3.46
N PHE A 43 14.91 6.46 -2.62
CA PHE A 43 16.05 6.67 -1.74
C PHE A 43 16.34 5.42 -0.91
N GLY A 44 17.48 4.78 -1.20
CA GLY A 44 17.87 3.60 -0.46
C GLY A 44 17.65 2.30 -1.22
N GLU A 45 18.42 1.29 -0.88
CA GLU A 45 18.30 -0.03 -1.52
C GLU A 45 17.57 -1.00 -0.62
N VAL A 46 17.04 -2.07 -1.21
CA VAL A 46 16.43 -3.14 -0.43
C VAL A 46 17.06 -4.47 -0.78
N TYR A 47 17.41 -5.25 0.24
CA TYR A 47 18.03 -6.54 0.04
C TYR A 47 17.22 -7.63 0.73
N GLU A 48 17.34 -8.85 0.21
CA GLU A 48 16.90 -10.02 0.95
C GLU A 48 17.99 -10.38 1.95
N GLY A 49 17.59 -10.71 3.18
CA GLY A 49 18.57 -10.99 4.21
C GLY A 49 18.25 -12.17 5.12
N GLN A 50 19.19 -12.50 5.99
CA GLN A 50 19.00 -13.51 7.02
C GLN A 50 19.40 -12.94 8.37
N VAL A 51 18.64 -13.28 9.41
CA VAL A 51 19.01 -12.93 10.77
C VAL A 51 19.04 -14.18 11.65
N PRO A 60 17.09 -20.14 10.58
CA PRO A 60 17.36 -18.71 10.42
C PRO A 60 16.13 -17.97 9.92
N LEU A 61 16.04 -16.67 10.22
CA LEU A 61 14.90 -15.87 9.82
C LEU A 61 15.20 -15.11 8.53
N GLN A 62 14.32 -15.25 7.53
CA GLN A 62 14.50 -14.57 6.25
C GLN A 62 13.80 -13.22 6.28
N VAL A 63 14.50 -12.18 5.82
CA VAL A 63 14.02 -10.82 5.99
C VAL A 63 14.23 -9.99 4.73
N ALA A 64 13.51 -8.88 4.62
CA ALA A 64 13.86 -7.84 3.68
C ALA A 64 14.60 -6.74 4.44
N VAL A 65 15.67 -6.23 3.86
CA VAL A 65 16.50 -5.24 4.52
C VAL A 65 16.43 -3.92 3.77
N LYS A 66 15.83 -2.92 4.42
CA LYS A 66 15.83 -1.58 3.88
C LYS A 66 17.02 -0.81 4.45
N THR A 67 17.79 -0.17 3.57
CA THR A 67 19.02 0.47 3.99
C THR A 67 18.94 1.99 3.87
N LEU A 68 19.64 2.67 4.76
CA LEU A 68 19.81 4.11 4.69
C LEU A 68 21.17 4.41 4.07
N PRO A 69 21.20 5.21 2.99
CA PRO A 69 22.49 5.60 2.43
C PRO A 69 23.34 6.35 3.45
N GLU A 70 24.60 5.95 3.57
CA GLU A 70 25.51 6.63 4.48
C GLU A 70 25.72 8.07 4.04
N VAL A 71 25.55 8.30 2.74
CA VAL A 71 25.57 9.64 2.19
C VAL A 71 24.16 10.23 2.20
N CYS A 72 23.78 10.82 3.33
CA CYS A 72 22.43 11.34 3.50
C CYS A 72 22.44 12.56 4.41
N SER A 73 21.35 13.30 4.41
CA SER A 73 21.22 14.46 5.30
C SER A 73 20.65 14.03 6.65
N GLU A 74 20.68 14.95 7.61
CA GLU A 74 20.12 14.68 8.93
C GLU A 74 18.63 14.43 8.84
N GLN A 75 17.98 15.02 7.84
CA GLN A 75 16.55 14.84 7.64
C GLN A 75 16.25 13.44 7.10
N ASP A 76 17.12 12.96 6.21
CA ASP A 76 17.02 11.59 5.73
C ASP A 76 17.12 10.63 6.90
N GLU A 77 18.03 10.94 7.83
CA GLU A 77 18.22 10.15 9.04
C GLU A 77 16.96 10.13 9.88
N LEU A 78 16.38 11.30 10.11
CA LEU A 78 15.18 11.41 10.93
C LEU A 78 14.01 10.67 10.26
N ASP A 79 13.90 10.82 8.94
CA ASP A 79 12.86 10.13 8.18
C ASP A 79 12.99 8.61 8.35
N PHE A 80 14.23 8.12 8.30
CA PHE A 80 14.48 6.69 8.40
C PHE A 80 14.07 6.19 9.77
N LEU A 81 14.44 6.96 10.80
CA LEU A 81 14.08 6.60 12.17
C LEU A 81 12.57 6.57 12.36
N MET A 82 11.89 7.56 11.79
CA MET A 82 10.45 7.67 11.97
C MET A 82 9.69 6.52 11.32
N GLU A 83 10.12 6.10 10.13
CA GLU A 83 9.43 4.98 9.49
C GLU A 83 9.66 3.70 10.27
N ALA A 84 10.84 3.57 10.86
CA ALA A 84 11.12 2.45 11.75
C ALA A 84 10.12 2.45 12.91
N LEU A 85 9.90 3.60 13.52
CA LEU A 85 8.97 3.68 14.65
C LEU A 85 7.55 3.36 14.21
N ILE A 86 7.15 3.91 13.07
CA ILE A 86 5.78 3.74 12.60
C ILE A 86 5.45 2.28 12.37
N ILE A 87 6.31 1.56 11.65
CA ILE A 87 6.01 0.19 11.31
C ILE A 87 6.10 -0.74 12.52
N SER A 88 7.06 -0.49 13.41
CA SER A 88 7.21 -1.35 14.59
C SER A 88 6.01 -1.30 15.53
N LYS A 89 5.31 -0.17 15.54
CA LYS A 89 4.18 0.01 16.45
C LYS A 89 2.85 -0.55 15.93
N PHE A 90 2.78 -0.86 14.65
CA PHE A 90 1.59 -1.56 14.12
C PHE A 90 1.59 -3.03 14.52
N ASN A 91 0.39 -3.57 14.72
CA ASN A 91 0.20 -4.99 14.96
C ASN A 91 -1.06 -5.49 14.26
N HIS A 92 -0.92 -5.92 13.02
CA HIS A 92 -2.06 -6.42 12.26
C HIS A 92 -1.58 -7.32 11.13
N GLN A 93 -2.34 -8.35 10.80
CA GLN A 93 -1.88 -9.34 9.82
C GLN A 93 -1.75 -8.80 8.40
N ASN A 94 -2.39 -7.66 8.12
CA ASN A 94 -2.30 -7.08 6.79
C ASN A 94 -1.43 -5.83 6.74
N ILE A 95 -0.56 -5.71 7.74
CA ILE A 95 0.52 -4.74 7.69
C ILE A 95 1.85 -5.46 7.90
N VAL A 96 2.81 -5.19 7.03
CA VAL A 96 4.09 -5.88 7.06
C VAL A 96 4.73 -5.75 8.44
N ARG A 97 5.29 -6.85 8.95
CA ARG A 97 5.92 -6.85 10.26
C ARG A 97 7.34 -6.28 10.18
N CYS A 98 7.73 -5.61 11.25
CA CYS A 98 9.13 -5.21 11.44
C CYS A 98 9.79 -6.20 12.40
N ILE A 99 10.78 -6.93 11.92
CA ILE A 99 11.53 -7.85 12.76
C ILE A 99 12.45 -7.10 13.73
N GLY A 100 12.90 -5.93 13.29
CA GLY A 100 13.78 -5.13 14.13
C GLY A 100 14.55 -4.13 13.29
N VAL A 101 15.59 -3.56 13.87
CA VAL A 101 16.43 -2.59 13.18
C VAL A 101 17.89 -2.83 13.51
N SER A 102 18.77 -2.28 12.68
CA SER A 102 20.18 -2.18 13.01
C SER A 102 20.60 -0.75 12.76
N LEU A 103 20.52 0.09 13.80
CA LEU A 103 20.76 1.52 13.64
C LEU A 103 22.12 1.92 14.18
N GLN A 104 22.81 0.98 14.84
CA GLN A 104 24.04 1.30 15.55
C GLN A 104 25.31 1.00 14.76
N SER A 105 25.14 0.52 13.53
CA SER A 105 26.24 0.38 12.58
C SER A 105 25.80 0.97 11.24
N LEU A 106 26.74 1.23 10.36
CA LEU A 106 26.42 1.89 9.09
C LEU A 106 26.72 0.95 7.91
N PRO A 107 25.89 1.00 6.86
CA PRO A 107 24.64 1.76 6.77
C PRO A 107 23.54 1.21 7.69
N ARG A 108 22.60 2.05 8.07
CA ARG A 108 21.53 1.64 8.97
C ARG A 108 20.52 0.74 8.26
N PHE A 109 19.99 -0.23 8.99
CA PHE A 109 19.02 -1.19 8.46
C PHE A 109 17.67 -1.07 9.15
N ILE A 110 16.60 -1.25 8.39
CA ILE A 110 15.32 -1.65 8.93
C ILE A 110 14.99 -3.05 8.41
N LEU A 111 14.61 -3.94 9.33
CA LEU A 111 14.40 -5.34 8.98
C LEU A 111 12.91 -5.66 8.90
N LEU A 112 12.45 -6.07 7.72
CA LEU A 112 11.03 -6.32 7.51
C LEU A 112 10.72 -7.77 7.15
N GLU A 113 9.50 -8.18 7.46
CA GLU A 113 8.94 -9.42 6.94
C GLU A 113 9.23 -9.55 5.44
N LEU A 114 9.84 -10.65 5.04
CA LEU A 114 10.12 -10.90 3.62
C LEU A 114 8.84 -11.30 2.88
N MET A 115 8.43 -10.46 1.94
CA MET A 115 7.22 -10.75 1.17
C MET A 115 7.62 -11.21 -0.22
N ALA A 116 7.72 -12.52 -0.38
CA ALA A 116 8.32 -13.13 -1.55
C ALA A 116 7.53 -12.85 -2.82
N GLY A 117 6.28 -12.43 -2.66
CA GLY A 117 5.45 -12.12 -3.82
C GLY A 117 5.76 -10.78 -4.42
N GLY A 118 6.56 -9.97 -3.72
CA GLY A 118 6.90 -8.65 -4.21
C GLY A 118 5.76 -7.65 -4.07
N ASP A 119 5.91 -6.48 -4.67
CA ASP A 119 4.87 -5.46 -4.62
C ASP A 119 3.69 -5.84 -5.50
N LEU A 120 2.52 -5.31 -5.17
CA LEU A 120 1.26 -5.72 -5.80
C LEU A 120 1.14 -5.24 -7.25
N LYS A 121 1.65 -4.05 -7.54
CA LYS A 121 1.56 -3.52 -8.91
C LYS A 121 2.34 -4.41 -9.86
N SER A 122 3.58 -4.73 -9.50
CA SER A 122 4.41 -5.59 -10.34
C SER A 122 3.80 -6.97 -10.47
N PHE A 123 3.24 -7.47 -9.38
CA PHE A 123 2.59 -8.77 -9.39
C PHE A 123 1.45 -8.82 -10.39
N LEU A 124 0.56 -7.84 -10.32
CA LEU A 124 -0.61 -7.82 -11.19
C LEU A 124 -0.20 -7.81 -12.65
N ARG A 125 0.80 -7.00 -12.97
CA ARG A 125 1.27 -6.88 -14.34
C ARG A 125 1.92 -8.17 -14.82
N GLU A 126 2.73 -8.79 -13.95
CA GLU A 126 3.43 -10.01 -14.31
C GLU A 126 2.55 -11.25 -14.30
N THR A 127 1.44 -11.21 -13.57
CA THR A 127 0.63 -12.39 -13.34
C THR A 127 -0.69 -12.34 -14.14
N ARG A 128 -0.78 -11.37 -15.04
CA ARG A 128 -1.95 -11.27 -15.92
C ARG A 128 -2.15 -12.58 -16.69
N PRO A 129 -3.41 -13.04 -16.77
CA PRO A 129 -3.68 -14.23 -17.58
C PRO A 129 -3.27 -14.04 -19.04
N ARG A 130 -2.60 -15.06 -19.58
CA ARG A 130 -2.02 -15.00 -20.92
C ARG A 130 -2.28 -16.36 -21.57
N PRO A 131 -2.20 -16.44 -22.91
CA PRO A 131 -2.43 -17.74 -23.54
C PRO A 131 -1.52 -18.84 -22.99
N SER A 132 -0.34 -18.44 -22.51
CA SER A 132 0.58 -19.37 -21.87
C SER A 132 0.11 -19.69 -20.46
N GLN A 133 -0.34 -18.66 -19.75
CA GLN A 133 -0.87 -18.83 -18.40
C GLN A 133 -2.31 -18.35 -18.35
N PRO A 134 -3.23 -19.13 -18.94
CA PRO A 134 -4.63 -18.75 -19.12
C PRO A 134 -5.43 -18.64 -17.82
N SER A 135 -4.94 -19.33 -16.78
CA SER A 135 -5.63 -19.34 -15.49
C SER A 135 -4.69 -18.88 -14.36
N SER A 136 -3.85 -17.90 -14.65
CA SER A 136 -2.91 -17.38 -13.66
C SER A 136 -3.64 -16.67 -12.53
N LEU A 137 -4.76 -16.02 -12.85
CA LEU A 137 -5.52 -15.26 -11.87
C LEU A 137 -7.02 -15.34 -12.14
N ALA A 138 -7.82 -15.31 -11.08
CA ALA A 138 -9.27 -15.25 -11.22
C ALA A 138 -9.85 -14.11 -10.39
N MET A 139 -11.14 -13.83 -10.57
CA MET A 139 -11.79 -12.72 -9.88
C MET A 139 -11.66 -12.87 -8.37
N LEU A 140 -11.67 -14.10 -7.88
CA LEU A 140 -11.56 -14.34 -6.45
C LEU A 140 -10.19 -13.94 -5.91
N ASP A 141 -9.14 -14.20 -6.67
CA ASP A 141 -7.79 -13.79 -6.25
C ASP A 141 -7.75 -12.29 -6.00
N LEU A 142 -8.40 -11.54 -6.89
CA LEU A 142 -8.40 -10.09 -6.83
C LEU A 142 -9.24 -9.59 -5.65
N LEU A 143 -10.38 -10.24 -5.46
CA LEU A 143 -11.25 -9.91 -4.34
C LEU A 143 -10.56 -10.20 -3.01
N HIS A 144 -9.75 -11.26 -2.98
CA HIS A 144 -9.01 -11.59 -1.77
C HIS A 144 -7.95 -10.55 -1.46
N VAL A 145 -7.24 -10.10 -2.50
CA VAL A 145 -6.28 -9.02 -2.33
C VAL A 145 -6.98 -7.76 -1.82
N ALA A 146 -8.13 -7.43 -2.41
CA ALA A 146 -8.86 -6.24 -2.00
C ALA A 146 -9.31 -6.30 -0.54
N ARG A 147 -9.85 -7.45 -0.16
CA ARG A 147 -10.26 -7.70 1.23
C ARG A 147 -9.08 -7.56 2.20
N ASP A 148 -7.95 -8.15 1.83
CA ASP A 148 -6.74 -8.11 2.66
C ASP A 148 -6.34 -6.67 2.96
N ILE A 149 -6.26 -5.85 1.92
CA ILE A 149 -5.83 -4.47 2.11
C ILE A 149 -6.89 -3.66 2.83
N ALA A 150 -8.16 -3.93 2.52
CA ALA A 150 -9.25 -3.24 3.20
C ALA A 150 -9.24 -3.55 4.69
N CYS A 151 -8.84 -4.76 5.06
CA CYS A 151 -8.71 -5.14 6.46
C CYS A 151 -7.58 -4.33 7.11
N GLY A 152 -6.45 -4.23 6.43
CA GLY A 152 -5.38 -3.38 6.92
C GLY A 152 -5.80 -1.93 7.08
N CYS A 153 -6.58 -1.43 6.12
CA CYS A 153 -7.04 -0.06 6.15
C CYS A 153 -8.01 0.19 7.29
N GLN A 154 -8.83 -0.81 7.59
CA GLN A 154 -9.80 -0.70 8.67
C GLN A 154 -9.08 -0.61 10.01
N TYR A 155 -7.99 -1.36 10.14
CA TYR A 155 -7.16 -1.32 11.34
C TYR A 155 -6.55 0.07 11.52
N LEU A 156 -6.05 0.66 10.44
CA LEU A 156 -5.52 2.01 10.50
C LEU A 156 -6.61 3.00 10.88
N GLU A 157 -7.77 2.86 10.24
CA GLU A 157 -8.89 3.76 10.48
C GLU A 157 -9.30 3.73 11.95
N GLU A 158 -9.49 2.53 12.50
CA GLU A 158 -9.95 2.40 13.87
C GLU A 158 -8.89 2.89 14.88
N ASN A 159 -7.63 2.94 14.45
CA ASN A 159 -6.58 3.50 15.28
C ASN A 159 -6.20 4.93 14.89
N HIS A 160 -7.03 5.53 14.03
CA HIS A 160 -6.94 6.94 13.71
C HIS A 160 -5.64 7.32 13.00
N PHE A 161 -5.14 6.39 12.19
CA PHE A 161 -3.93 6.63 11.41
C PHE A 161 -4.31 6.80 9.95
N ILE A 162 -3.90 7.91 9.34
CA ILE A 162 -4.22 8.17 7.94
C ILE A 162 -3.00 7.85 7.08
N HIS A 163 -3.16 6.91 6.15
CA HIS A 163 -2.02 6.43 5.38
C HIS A 163 -1.53 7.45 4.36
N ARG A 164 -2.48 8.02 3.61
CA ARG A 164 -2.21 9.09 2.65
C ARG A 164 -1.67 8.63 1.29
N ASP A 165 -1.34 7.35 1.13
CA ASP A 165 -0.91 6.87 -0.18
C ASP A 165 -1.24 5.40 -0.39
N ILE A 166 -2.49 5.05 -0.17
CA ILE A 166 -2.97 3.70 -0.44
C ILE A 166 -2.98 3.45 -1.94
N ALA A 167 -2.05 2.61 -2.40
CA ALA A 167 -1.80 2.41 -3.83
C ALA A 167 -1.11 1.07 -4.04
N ALA A 168 -1.30 0.46 -5.21
CA ALA A 168 -0.77 -0.87 -5.46
C ALA A 168 0.73 -0.97 -5.22
N ARG A 169 1.45 0.09 -5.57
CA ARG A 169 2.92 0.12 -5.45
C ARG A 169 3.35 0.00 -3.99
N ASN A 170 2.45 0.29 -3.07
CA ASN A 170 2.78 0.32 -1.65
C ASN A 170 2.25 -0.91 -0.91
N CYS A 171 1.72 -1.87 -1.66
CA CYS A 171 1.28 -3.14 -1.09
C CYS A 171 2.18 -4.28 -1.51
N LEU A 172 2.27 -5.30 -0.66
CA LEU A 172 3.16 -6.43 -0.88
C LEU A 172 2.40 -7.76 -0.76
N LEU A 173 2.98 -8.82 -1.33
CA LEU A 173 2.37 -10.14 -1.29
C LEU A 173 3.29 -11.14 -0.61
N THR A 174 2.73 -11.99 0.25
CA THR A 174 3.53 -12.97 0.98
C THR A 174 4.17 -13.99 0.04
N CYS A 175 3.45 -14.34 -1.01
CA CYS A 175 3.95 -15.29 -2.01
C CYS A 175 3.21 -15.14 -3.32
N PRO A 176 3.82 -15.60 -4.43
CA PRO A 176 3.21 -15.56 -5.76
C PRO A 176 1.96 -16.44 -5.87
N GLY A 177 1.97 -17.54 -5.12
CA GLY A 177 0.94 -18.56 -5.27
C GLY A 177 -0.38 -18.22 -4.62
N PRO A 178 -1.36 -19.13 -4.74
CA PRO A 178 -2.77 -18.92 -4.37
C PRO A 178 -3.03 -18.54 -2.92
N GLY A 179 -2.20 -19.03 -2.01
CA GLY A 179 -2.37 -18.71 -0.61
C GLY A 179 -1.83 -17.34 -0.25
N ARG A 180 -1.46 -16.55 -1.25
CA ARG A 180 -0.83 -15.27 -1.01
C ARG A 180 -1.69 -14.41 -0.09
N VAL A 181 -1.03 -13.60 0.74
CA VAL A 181 -1.72 -12.61 1.57
C VAL A 181 -1.16 -11.23 1.23
N ALA A 182 -2.05 -10.26 1.04
CA ALA A 182 -1.64 -8.90 0.73
C ALA A 182 -1.57 -8.06 2.01
N LYS A 183 -0.58 -7.19 2.08
CA LYS A 183 -0.37 -6.31 3.23
C LYS A 183 0.11 -4.95 2.75
N ILE A 184 -0.19 -3.92 3.53
CA ILE A 184 0.37 -2.59 3.27
C ILE A 184 1.82 -2.60 3.70
N GLY A 185 2.71 -2.18 2.82
CA GLY A 185 4.12 -2.40 3.05
C GLY A 185 4.98 -1.15 3.16
N ASP A 186 4.46 -0.02 2.72
CA ASP A 186 5.20 1.24 2.75
C ASP A 186 4.40 2.35 3.41
N PHE A 187 5.07 3.14 4.26
CA PHE A 187 4.42 4.22 4.98
C PHE A 187 5.19 5.53 4.84
N GLY A 188 5.77 5.74 3.66
CA GLY A 188 6.67 6.86 3.47
C GLY A 188 5.99 8.21 3.41
N MET A 189 4.77 8.24 2.86
CA MET A 189 4.00 9.47 2.77
C MET A 189 3.53 9.92 4.15
N ALA A 190 3.05 8.97 4.95
CA ALA A 190 2.59 9.29 6.29
C ALA A 190 3.77 9.76 7.13
N ARG A 191 4.95 9.23 6.83
CA ARG A 191 6.16 9.56 7.57
C ARG A 191 6.56 11.01 7.28
N ASP A 192 6.52 11.39 6.01
CA ASP A 192 6.86 12.75 5.60
C ASP A 192 5.92 13.76 6.26
N ILE A 193 4.63 13.47 6.24
CA ILE A 193 3.65 14.38 6.83
C ILE A 193 3.86 14.50 8.33
N TYR A 194 3.97 13.35 9.00
CA TYR A 194 4.23 13.33 10.44
C TYR A 194 5.53 14.08 10.73
N ARG A 195 6.43 14.09 9.76
CA ARG A 195 7.74 14.71 9.88
C ARG A 195 8.71 13.85 10.68
N GLY A 202 9.90 17.22 -0.81
CA GLY A 202 8.65 16.93 -1.51
C GLY A 202 8.25 18.04 -2.46
N GLY A 203 7.17 17.82 -3.20
CA GLY A 203 6.69 18.83 -4.13
C GLY A 203 5.38 18.43 -4.78
N CYS A 204 4.83 19.32 -5.59
CA CYS A 204 3.59 19.03 -6.31
C CYS A 204 3.78 17.79 -7.18
N ALA A 205 4.85 17.79 -7.97
CA ALA A 205 5.06 16.76 -8.97
C ALA A 205 5.21 15.36 -8.35
N MET A 206 5.51 15.32 -7.06
CA MET A 206 5.70 14.04 -6.37
C MET A 206 4.47 13.59 -5.58
N LEU A 207 3.50 14.49 -5.40
CA LEU A 207 2.26 14.13 -4.72
C LEU A 207 1.48 13.09 -5.52
N PRO A 208 0.94 12.07 -4.85
CA PRO A 208 0.20 11.00 -5.53
C PRO A 208 -1.19 11.48 -5.96
N VAL A 209 -1.23 12.52 -6.78
CA VAL A 209 -2.49 13.20 -7.08
C VAL A 209 -3.54 12.26 -7.65
N LYS A 210 -3.11 11.23 -8.38
CA LYS A 210 -4.04 10.31 -9.01
C LYS A 210 -4.74 9.41 -7.99
N TRP A 211 -4.28 9.45 -6.74
CA TRP A 211 -4.89 8.66 -5.67
C TRP A 211 -5.62 9.54 -4.65
N MET A 212 -5.68 10.85 -4.90
CA MET A 212 -6.18 11.77 -3.88
C MET A 212 -7.58 12.34 -4.19
N PRO A 213 -8.41 12.51 -3.15
CA PRO A 213 -9.72 13.16 -3.25
C PRO A 213 -9.60 14.67 -3.40
N PRO A 214 -10.67 15.32 -3.87
CA PRO A 214 -10.66 16.77 -4.10
C PRO A 214 -10.23 17.62 -2.90
N GLU A 215 -10.75 17.30 -1.73
CA GLU A 215 -10.45 18.12 -0.56
C GLU A 215 -8.99 17.96 -0.12
N ALA A 216 -8.37 16.88 -0.55
CA ALA A 216 -6.97 16.62 -0.22
C ALA A 216 -6.03 17.50 -1.05
N PHE A 217 -6.15 17.46 -2.37
CA PHE A 217 -5.22 18.23 -3.19
C PHE A 217 -5.58 19.70 -3.29
N MET A 218 -6.79 20.05 -2.87
CA MET A 218 -7.24 21.44 -2.89
C MET A 218 -7.00 22.17 -1.57
N GLU A 219 -7.44 21.57 -0.47
CA GLU A 219 -7.37 22.23 0.83
C GLU A 219 -6.32 21.60 1.73
N GLY A 220 -5.71 20.52 1.26
CA GLY A 220 -4.75 19.80 2.10
C GLY A 220 -5.42 19.24 3.33
N ILE A 221 -6.70 18.92 3.22
CA ILE A 221 -7.42 18.28 4.30
C ILE A 221 -7.37 16.77 4.18
N PHE A 222 -6.88 16.11 5.21
CA PHE A 222 -6.81 14.65 5.24
C PHE A 222 -7.61 14.11 6.42
N THR A 223 -8.43 13.09 6.15
CA THR A 223 -9.15 12.36 7.19
C THR A 223 -9.11 10.88 6.82
N SER A 224 -9.87 10.07 7.55
CA SER A 224 -10.00 8.66 7.24
C SER A 224 -10.60 8.47 5.85
N LYS A 225 -11.44 9.40 5.44
CA LYS A 225 -12.12 9.31 4.15
C LYS A 225 -11.17 9.63 3.01
N THR A 226 -10.01 10.16 3.35
CA THR A 226 -8.92 10.30 2.39
C THR A 226 -8.51 8.92 1.87
N ASP A 227 -8.31 7.99 2.81
CA ASP A 227 -7.88 6.65 2.45
C ASP A 227 -8.99 5.87 1.75
N THR A 228 -10.24 6.17 2.07
CA THR A 228 -11.36 5.54 1.35
C THR A 228 -11.28 5.85 -0.14
N TRP A 229 -11.10 7.12 -0.47
CA TRP A 229 -10.98 7.51 -1.87
C TRP A 229 -9.82 6.76 -2.54
N SER A 230 -8.65 6.80 -1.90
CA SER A 230 -7.48 6.14 -2.43
C SER A 230 -7.72 4.64 -2.62
N PHE A 231 -8.41 4.01 -1.67
CA PHE A 231 -8.70 2.59 -1.79
C PHE A 231 -9.53 2.29 -3.03
N GLY A 232 -10.46 3.19 -3.37
CA GLY A 232 -11.20 3.04 -4.61
C GLY A 232 -10.29 2.99 -5.84
N VAL A 233 -9.26 3.84 -5.85
CA VAL A 233 -8.30 3.85 -6.93
C VAL A 233 -7.47 2.57 -6.93
N LEU A 234 -7.07 2.10 -5.75
CA LEU A 234 -6.40 0.81 -5.63
C LEU A 234 -7.27 -0.30 -6.21
N LEU A 235 -8.55 -0.28 -5.88
CA LEU A 235 -9.49 -1.28 -6.40
C LEU A 235 -9.48 -1.29 -7.92
N TRP A 236 -9.41 -0.10 -8.50
CA TRP A 236 -9.34 0.02 -9.95
C TRP A 236 -8.03 -0.57 -10.46
N GLU A 237 -6.94 -0.27 -9.75
CA GLU A 237 -5.65 -0.85 -10.10
C GLU A 237 -5.71 -2.36 -10.08
N ILE A 238 -6.36 -2.91 -9.06
CA ILE A 238 -6.42 -4.35 -8.88
C ILE A 238 -7.20 -5.00 -10.01
N PHE A 239 -8.39 -4.47 -10.31
CA PHE A 239 -9.23 -5.14 -11.29
C PHE A 239 -8.88 -4.80 -12.73
N SER A 240 -8.09 -3.75 -12.91
CA SER A 240 -7.48 -3.46 -14.21
C SER A 240 -6.25 -4.34 -14.43
N LEU A 241 -5.86 -5.06 -13.38
CA LEU A 241 -4.66 -5.89 -13.41
C LEU A 241 -3.39 -5.07 -13.60
N GLY A 242 -3.30 -3.94 -12.89
CA GLY A 242 -2.02 -3.25 -12.80
C GLY A 242 -1.82 -2.06 -13.71
N TYR A 243 -2.89 -1.60 -14.37
CA TYR A 243 -2.79 -0.39 -15.17
C TYR A 243 -2.62 0.86 -14.31
N MET A 244 -1.92 1.84 -14.87
CA MET A 244 -1.85 3.18 -14.29
C MET A 244 -3.22 3.83 -14.36
N PRO A 245 -3.69 4.40 -13.24
CA PRO A 245 -4.99 5.09 -13.19
C PRO A 245 -5.12 6.26 -14.16
N TYR A 246 -6.35 6.53 -14.58
CA TYR A 246 -6.67 7.61 -15.51
C TYR A 246 -5.81 7.55 -16.76
N PRO A 247 -5.98 6.49 -17.55
CA PRO A 247 -5.13 6.27 -18.73
C PRO A 247 -5.03 7.52 -19.60
N SER A 248 -3.80 7.88 -19.94
CA SER A 248 -3.52 8.94 -20.90
C SER A 248 -3.64 10.34 -20.28
N LYS A 249 -3.96 10.38 -18.99
CA LYS A 249 -4.12 11.65 -18.30
C LYS A 249 -2.90 12.02 -17.45
N SER A 250 -2.50 13.29 -17.54
CA SER A 250 -1.44 13.82 -16.70
C SER A 250 -1.99 14.16 -15.32
N ASN A 251 -1.10 14.48 -14.39
CA ASN A 251 -1.50 14.83 -13.04
C ASN A 251 -2.49 15.98 -13.01
N GLN A 252 -2.19 17.06 -13.74
CA GLN A 252 -3.05 18.23 -13.72
C GLN A 252 -4.37 17.94 -14.42
N GLU A 253 -4.32 17.12 -15.46
CA GLU A 253 -5.54 16.72 -16.16
C GLU A 253 -6.44 15.92 -15.23
N VAL A 254 -5.84 15.04 -14.44
CA VAL A 254 -6.60 14.27 -13.47
C VAL A 254 -7.20 15.20 -12.42
N LEU A 255 -6.39 16.14 -11.94
CA LEU A 255 -6.84 17.08 -10.93
C LEU A 255 -8.11 17.79 -11.38
N GLU A 256 -8.10 18.29 -12.61
CA GLU A 256 -9.24 19.07 -13.13
C GLU A 256 -10.42 18.16 -13.46
N PHE A 257 -10.12 16.97 -13.95
CA PHE A 257 -11.12 15.95 -14.25
C PHE A 257 -11.90 15.56 -12.99
N VAL A 258 -11.18 15.17 -11.94
CA VAL A 258 -11.80 14.72 -10.70
C VAL A 258 -12.54 15.86 -9.98
N THR A 259 -11.96 17.06 -10.01
CA THR A 259 -12.56 18.23 -9.39
C THR A 259 -13.88 18.60 -10.07
N SER A 260 -14.00 18.25 -11.36
CA SER A 260 -15.20 18.55 -12.13
C SER A 260 -16.19 17.39 -12.09
N GLY A 261 -15.89 16.37 -11.31
CA GLY A 261 -16.83 15.26 -11.14
C GLY A 261 -16.52 14.06 -12.00
N GLY A 262 -15.43 14.12 -12.77
CA GLY A 262 -15.07 13.01 -13.62
C GLY A 262 -14.56 11.81 -12.84
N ARG A 263 -14.92 10.61 -13.29
CA ARG A 263 -14.48 9.39 -12.63
C ARG A 263 -14.00 8.37 -13.66
N MET A 264 -13.12 7.47 -13.25
CA MET A 264 -12.67 6.40 -14.14
C MET A 264 -13.81 5.48 -14.55
N ASP A 265 -13.72 4.99 -15.78
CA ASP A 265 -14.61 3.92 -16.27
C ASP A 265 -14.28 2.63 -15.55
N PRO A 266 -15.16 1.63 -15.64
CA PRO A 266 -14.83 0.31 -15.10
C PRO A 266 -13.63 -0.30 -15.83
N PRO A 267 -12.76 -1.00 -15.09
CA PRO A 267 -11.72 -1.79 -15.77
C PRO A 267 -12.35 -2.83 -16.68
N LYS A 268 -11.56 -3.35 -17.63
CA LYS A 268 -12.06 -4.35 -18.57
C LYS A 268 -12.62 -5.59 -17.86
N ASN A 269 -13.87 -5.92 -18.17
CA ASN A 269 -14.56 -7.08 -17.62
C ASN A 269 -14.93 -6.95 -16.14
N CYS A 270 -14.77 -5.75 -15.57
CA CYS A 270 -15.05 -5.57 -14.15
C CYS A 270 -16.54 -5.78 -13.86
N PRO A 271 -16.86 -6.66 -12.89
CA PRO A 271 -18.26 -6.85 -12.50
C PRO A 271 -18.88 -5.57 -11.95
N GLY A 272 -20.15 -5.34 -12.25
CA GLY A 272 -20.81 -4.13 -11.81
C GLY A 272 -20.78 -3.91 -10.30
N PRO A 273 -21.00 -4.98 -9.50
CA PRO A 273 -20.93 -4.84 -8.04
C PRO A 273 -19.58 -4.32 -7.53
N VAL A 274 -18.51 -4.68 -8.23
CA VAL A 274 -17.17 -4.23 -7.85
C VAL A 274 -16.94 -2.79 -8.26
N TYR A 275 -17.38 -2.43 -9.45
CA TYR A 275 -17.26 -1.06 -9.92
C TYR A 275 -18.06 -0.12 -9.03
N ARG A 276 -19.17 -0.63 -8.51
CA ARG A 276 -20.03 0.17 -7.63
C ARG A 276 -19.34 0.52 -6.31
N ILE A 277 -18.46 -0.36 -5.84
CA ILE A 277 -17.68 -0.03 -4.65
C ILE A 277 -16.72 1.10 -4.96
N MET A 278 -16.10 1.04 -6.14
CA MET A 278 -15.21 2.12 -6.57
C MET A 278 -15.93 3.47 -6.58
N THR A 279 -17.11 3.51 -7.18
CA THR A 279 -17.80 4.78 -7.36
C THR A 279 -18.29 5.34 -6.02
N GLN A 280 -18.54 4.45 -5.06
CA GLN A 280 -18.91 4.89 -3.72
C GLN A 280 -17.71 5.45 -2.96
N CYS A 281 -16.54 4.84 -3.14
CA CYS A 281 -15.31 5.37 -2.58
C CYS A 281 -14.96 6.74 -3.13
N TRP A 282 -15.40 7.02 -4.36
CA TRP A 282 -15.10 8.28 -5.02
C TRP A 282 -16.22 9.32 -4.93
N GLN A 283 -17.07 9.25 -3.91
CA GLN A 283 -18.07 10.29 -3.72
C GLN A 283 -17.37 11.63 -3.42
N HIS A 284 -17.89 12.72 -3.96
CA HIS A 284 -17.23 14.01 -3.80
C HIS A 284 -17.15 14.44 -2.33
N GLN A 285 -18.25 14.30 -1.62
CA GLN A 285 -18.30 14.64 -0.20
C GLN A 285 -17.72 13.48 0.62
N PRO A 286 -16.69 13.74 1.42
CA PRO A 286 -16.15 12.62 2.20
C PRO A 286 -17.18 11.94 3.09
N GLU A 287 -18.16 12.70 3.56
CA GLU A 287 -19.20 12.12 4.40
C GLU A 287 -20.04 11.08 3.66
N ASP A 288 -20.10 11.19 2.34
CA ASP A 288 -20.87 10.25 1.53
C ASP A 288 -20.09 9.00 1.15
N ARG A 289 -18.82 8.95 1.52
CA ARG A 289 -18.00 7.79 1.22
C ARG A 289 -18.08 6.79 2.37
N PRO A 290 -18.06 5.49 2.07
CA PRO A 290 -18.16 4.45 3.10
C PRO A 290 -16.90 4.40 3.96
N ASN A 291 -17.04 4.01 5.21
CA ASN A 291 -15.88 3.67 6.03
C ASN A 291 -15.43 2.26 5.63
N PHE A 292 -14.33 1.78 6.21
CA PHE A 292 -13.78 0.53 5.74
C PHE A 292 -14.55 -0.70 6.20
N ALA A 293 -15.28 -0.58 7.30
CA ALA A 293 -16.19 -1.64 7.73
C ALA A 293 -17.21 -1.91 6.62
N ILE A 294 -17.78 -0.85 6.07
CA ILE A 294 -18.77 -0.98 5.00
C ILE A 294 -18.12 -1.50 3.72
N ILE A 295 -16.95 -0.99 3.40
CA ILE A 295 -16.21 -1.48 2.24
C ILE A 295 -15.96 -2.98 2.36
N LEU A 296 -15.50 -3.42 3.53
CA LEU A 296 -15.26 -4.85 3.74
C LEU A 296 -16.54 -5.67 3.55
N GLU A 297 -17.65 -5.14 4.02
CA GLU A 297 -18.93 -5.83 3.88
C GLU A 297 -19.30 -6.00 2.41
N ARG A 298 -19.06 -4.97 1.62
CA ARG A 298 -19.40 -5.02 0.20
C ARG A 298 -18.47 -5.93 -0.58
N ILE A 299 -17.19 -5.95 -0.21
CA ILE A 299 -16.25 -6.87 -0.84
C ILE A 299 -16.64 -8.31 -0.53
N GLU A 300 -17.04 -8.56 0.72
CA GLU A 300 -17.54 -9.88 1.11
C GLU A 300 -18.72 -10.31 0.27
N TYR A 301 -19.69 -9.41 0.10
CA TYR A 301 -20.89 -9.72 -0.67
C TYR A 301 -20.56 -10.05 -2.13
N CYS A 302 -19.59 -9.31 -2.70
CA CYS A 302 -19.13 -9.59 -4.06
C CYS A 302 -18.51 -10.98 -4.16
N THR A 303 -17.76 -11.36 -3.14
CA THR A 303 -17.06 -12.65 -3.16
C THR A 303 -18.05 -13.80 -3.07
N GLN A 304 -19.21 -13.52 -2.48
CA GLN A 304 -20.28 -14.53 -2.35
C GLN A 304 -21.07 -14.69 -3.65
N ASP A 305 -21.09 -13.65 -4.46
CA ASP A 305 -21.93 -13.59 -5.66
C ASP A 305 -21.31 -14.37 -6.82
N PRO A 306 -21.94 -15.48 -7.22
CA PRO A 306 -21.42 -16.30 -8.32
C PRO A 306 -21.25 -15.52 -9.62
N ASP A 307 -22.18 -14.61 -9.90
CA ASP A 307 -22.10 -13.82 -11.12
C ASP A 307 -20.85 -12.93 -11.11
N VAL A 308 -20.36 -12.61 -9.93
CA VAL A 308 -19.13 -11.85 -9.84
C VAL A 308 -17.91 -12.74 -10.02
N ILE A 309 -17.80 -13.78 -9.21
CA ILE A 309 -16.57 -14.54 -9.20
C ILE A 309 -16.46 -15.50 -10.39
N ASN A 310 -17.57 -15.76 -11.06
CA ASN A 310 -17.55 -16.57 -12.27
C ASN A 310 -17.18 -15.75 -13.51
N THR A 311 -17.03 -14.45 -13.33
CA THR A 311 -16.66 -13.57 -14.45
C THR A 311 -15.19 -13.78 -14.81
N ALA A 312 -14.93 -13.99 -16.09
CA ALA A 312 -13.55 -14.26 -16.54
C ALA A 312 -12.77 -12.97 -16.76
N LEU A 313 -11.54 -12.96 -16.28
CA LEU A 313 -10.63 -11.85 -16.54
C LEU A 313 -10.16 -11.92 -17.98
N PRO A 314 -9.86 -10.76 -18.57
CA PRO A 314 -9.35 -10.72 -19.94
C PRO A 314 -7.99 -11.41 -20.04
N ILE A 315 -7.75 -12.08 -21.16
CA ILE A 315 -6.44 -12.64 -21.45
C ILE A 315 -5.75 -11.76 -22.47
N GLU A 316 -4.59 -11.21 -22.10
CA GLU A 316 -3.90 -10.23 -22.93
C GLU A 316 -3.80 -10.64 -24.39
N TYR A 317 -4.79 -10.45 -25.13
#